data_3FP2
#
_entry.id   3FP2
#
_cell.length_a   47.863
_cell.length_b   116.288
_cell.length_c   150.743
_cell.angle_alpha   90.00
_cell.angle_beta   90.00
_cell.angle_gamma   90.00
#
_symmetry.space_group_name_H-M   'P 21 21 21'
#
loop_
_entity.id
_entity.type
_entity.pdbx_description
1 polymer 'TPR repeat-containing protein YHR117W'
2 polymer 'ATP-dependent molecular chaperone HSP82'
3 non-polymer 'CHLORIDE ION'
4 non-polymer 'MAGNESIUM ION'
5 water water
#
loop_
_entity_poly.entity_id
_entity_poly.type
_entity_poly.pdbx_seq_one_letter_code
_entity_poly.pdbx_strand_id
1 'polypeptide(L)'
;GSHMNGEPDIAQLKGLSPSQRQAYAVQLKNRGNHFFTAKNFNEAIKYYQYAIELDPNEPVFYSNISACYISTGDLEKVIE
FTTKALEIKPDHSKALLRRASANESLGNFTDAMFDLSVLSLNGDFDGASIEPMLERNLNKQAMKVLNENLSKDEGRGSQV
LPSNTSLASFFGIFDSHLEVSSVNTSSNYDTAYALLSDALQRLYSATDEGYLVANDLLTKSTDMYHSLLSANTVDDPLRE
NAALALCYTGIFHFLKNNLLDAQVLLQESINLHPTPNSYIFLALTLADKENSQEFFKFFQKAVDLNPEYPPTYYHRGQMY
FILQDYKNAKEDFQKAQSLNPENVYPYIQLACLLYKQGKFTESEAFFNETKLKFPTLPEVPTFFAEILTDRGDFDTAIKQ
YDIAKRLEEVQEKIHVGIGPLIGKATILARQSSQDPTQLDEEKFNAAIKLLTKACELDPRSEQAKIGLAQLKLQMEKIDE
AIELFEDSAILARTMDEKLQATTFAEAAKIQKRLRADPIISAKMELTLARYRAKGML
;
A
2 'polypeptide(L)' EVPADTEMEEVD Q
#
loop_
_chem_comp.id
_chem_comp.type
_chem_comp.name
_chem_comp.formula
CL non-polymer 'CHLORIDE ION' 'Cl -1'
MG non-polymer 'MAGNESIUM ION' 'Mg 2'
#
# COMPACT_ATOMS: atom_id res chain seq x y z
N PRO A 8 -55.72 -2.90 -29.59
CA PRO A 8 -56.30 -1.56 -29.68
C PRO A 8 -55.89 -0.80 -30.95
N ASP A 9 -56.83 -0.09 -31.58
CA ASP A 9 -56.41 0.97 -32.52
C ASP A 9 -56.27 2.30 -31.78
N ILE A 10 -55.02 2.67 -31.52
CA ILE A 10 -54.66 3.90 -30.82
C ILE A 10 -55.11 5.17 -31.53
N ALA A 11 -55.31 5.09 -32.86
CA ALA A 11 -55.99 6.12 -33.63
C ALA A 11 -57.23 6.58 -32.88
N GLN A 12 -58.19 5.67 -32.71
CA GLN A 12 -59.52 5.98 -32.18
C GLN A 12 -59.51 6.30 -30.67
N LEU A 13 -58.66 5.61 -29.90
CA LEU A 13 -58.53 5.83 -28.45
C LEU A 13 -58.10 7.24 -28.08
N LYS A 14 -57.03 7.72 -28.73
CA LYS A 14 -56.50 9.07 -28.52
C LYS A 14 -57.55 10.19 -28.66
N GLY A 15 -58.64 9.89 -29.33
CA GLY A 15 -59.74 10.83 -29.53
C GLY A 15 -60.90 10.62 -28.57
N LEU A 16 -60.64 9.93 -27.46
CA LEU A 16 -61.62 9.83 -26.37
C LEU A 16 -61.30 10.90 -25.33
N SER A 17 -62.15 10.95 -24.25
CA SER A 17 -62.03 11.95 -23.20
C SER A 17 -60.78 11.76 -22.35
N PRO A 18 -60.48 12.73 -21.46
CA PRO A 18 -59.27 12.49 -20.68
C PRO A 18 -59.55 11.32 -19.66
N SER A 19 -60.82 11.14 -19.15
CA SER A 19 -61.05 10.02 -18.18
C SER A 19 -60.90 8.69 -18.93
N GLN A 20 -61.41 8.65 -20.16
CA GLN A 20 -61.48 7.43 -20.95
C GLN A 20 -60.15 7.07 -21.55
N ARG A 21 -59.35 8.08 -21.88
CA ARG A 21 -58.02 7.85 -22.45
C ARG A 21 -57.09 7.29 -21.37
N GLN A 22 -57.22 7.79 -20.16
CA GLN A 22 -56.42 7.31 -19.04
C GLN A 22 -56.85 5.92 -18.63
N ALA A 23 -58.16 5.69 -18.62
CA ALA A 23 -58.71 4.38 -18.27
C ALA A 23 -58.12 3.30 -19.16
N TYR A 24 -57.96 3.62 -20.44
CA TYR A 24 -57.39 2.69 -21.39
C TYR A 24 -55.92 2.41 -21.05
N ALA A 25 -55.24 3.44 -20.55
CA ALA A 25 -53.84 3.31 -20.14
C ALA A 25 -53.70 2.23 -19.07
N VAL A 26 -54.55 2.32 -18.05
CA VAL A 26 -54.54 1.33 -16.98
C VAL A 26 -54.84 -0.06 -17.53
N GLN A 27 -55.75 -0.12 -18.49
CA GLN A 27 -56.10 -1.38 -19.14
C GLN A 27 -55.02 -2.03 -20.04
N LEU A 28 -54.42 -1.21 -20.93
CA LEU A 28 -53.19 -1.59 -21.70
C LEU A 28 -51.97 -1.90 -20.88
N LYS A 29 -51.67 -1.03 -19.90
CA LYS A 29 -50.64 -1.40 -18.98
C LYS A 29 -50.79 -2.79 -18.38
N ASN A 30 -51.99 -3.07 -17.90
CA ASN A 30 -52.26 -4.36 -17.27
C ASN A 30 -52.12 -5.58 -18.18
N ARG A 31 -52.54 -5.45 -19.44
CA ARG A 31 -52.24 -6.43 -20.48
C ARG A 31 -50.72 -6.65 -20.69
N GLY A 32 -49.95 -5.58 -20.80
CA GLY A 32 -48.50 -5.71 -20.76
C GLY A 32 -48.00 -6.51 -19.58
N ASN A 33 -48.48 -6.18 -18.38
CA ASN A 33 -48.05 -6.91 -17.19
C ASN A 33 -48.35 -8.43 -17.24
N HIS A 34 -49.53 -8.80 -17.73
CA HIS A 34 -49.87 -10.21 -17.97
C HIS A 34 -48.78 -10.95 -18.81
N PHE A 35 -48.45 -10.39 -19.98
CA PHE A 35 -47.38 -10.91 -20.83
C PHE A 35 -45.99 -10.96 -20.18
N PHE A 36 -45.61 -9.94 -19.41
CA PHE A 36 -44.34 -9.95 -18.71
C PHE A 36 -44.26 -11.14 -17.73
N THR A 37 -45.37 -11.41 -17.06
CA THR A 37 -45.46 -12.46 -16.05
C THR A 37 -45.41 -13.83 -16.76
N ALA A 38 -45.88 -13.83 -18.00
CA ALA A 38 -45.85 -15.00 -18.87
C ALA A 38 -44.56 -15.10 -19.70
N LYS A 39 -43.51 -14.37 -19.27
CA LYS A 39 -42.21 -14.36 -19.96
C LYS A 39 -42.30 -14.06 -21.47
N ASN A 40 -43.41 -13.44 -21.89
CA ASN A 40 -43.56 -12.95 -23.26
C ASN A 40 -43.26 -11.44 -23.34
N PHE A 41 -41.97 -11.14 -23.25
CA PHE A 41 -41.45 -9.77 -23.16
C PHE A 41 -41.67 -8.86 -24.38
N ASN A 42 -41.65 -9.45 -25.57
CA ASN A 42 -41.98 -8.71 -26.78
C ASN A 42 -43.47 -8.34 -26.82
N ALA A 44 -45.35 -7.74 -23.96
CA ALA A 44 -45.27 -6.75 -22.87
C ALA A 44 -44.86 -5.35 -23.36
N ILE A 45 -43.73 -5.27 -24.07
N ILE A 45 -43.73 -5.26 -24.07
CA ILE A 45 -43.19 -4.00 -24.58
CA ILE A 45 -43.23 -3.96 -24.53
C ILE A 45 -44.17 -3.24 -25.44
C ILE A 45 -44.20 -3.22 -25.44
N LYS A 46 -44.83 -3.96 -26.36
CA LYS A 46 -45.84 -3.39 -27.27
C LYS A 46 -47.03 -2.78 -26.52
N TYR A 47 -47.47 -3.46 -25.46
CA TYR A 47 -48.61 -2.97 -24.70
C TYR A 47 -48.24 -1.72 -23.85
N TYR A 48 -47.07 -1.71 -23.28
CA TYR A 48 -46.55 -0.51 -22.60
C TYR A 48 -46.42 0.73 -23.53
N GLN A 49 -45.88 0.52 -24.73
CA GLN A 49 -45.86 1.57 -25.77
C GLN A 49 -47.21 2.12 -26.11
N TYR A 50 -48.17 1.24 -26.33
CA TYR A 50 -49.55 1.63 -26.43
C TYR A 50 -49.99 2.58 -25.26
N ALA A 51 -49.46 2.21 -24.01
CA ALA A 51 -49.89 2.93 -22.81
C ALA A 51 -49.31 4.34 -22.86
N ILE A 52 -48.05 4.41 -23.27
CA ILE A 52 -47.28 5.65 -23.43
C ILE A 52 -47.97 6.61 -24.38
N GLU A 53 -48.53 6.09 -25.48
CA GLU A 53 -49.24 6.90 -26.43
C GLU A 53 -50.47 7.57 -25.81
N LEU A 54 -50.99 7.00 -24.73
CA LEU A 54 -52.15 7.55 -24.05
C LEU A 54 -51.76 8.31 -22.79
N ASP A 55 -50.62 7.92 -22.21
CA ASP A 55 -50.13 8.56 -21.00
C ASP A 55 -48.60 8.52 -20.93
N PRO A 56 -47.96 9.49 -21.58
CA PRO A 56 -46.50 9.56 -21.59
C PRO A 56 -45.95 10.21 -20.32
N ASN A 57 -46.83 10.63 -19.43
CA ASN A 57 -46.43 11.26 -18.18
C ASN A 57 -46.42 10.27 -17.02
N GLU A 58 -46.50 8.99 -17.33
CA GLU A 58 -46.51 7.96 -16.33
C GLU A 58 -45.16 7.20 -16.32
N PRO A 59 -44.34 7.39 -15.28
CA PRO A 59 -43.00 6.75 -15.26
C PRO A 59 -43.07 5.23 -15.12
N VAL A 60 -44.23 4.70 -14.68
CA VAL A 60 -44.36 3.23 -14.55
C VAL A 60 -44.24 2.50 -15.90
N PHE A 61 -44.71 3.13 -16.96
CA PHE A 61 -44.73 2.52 -18.29
C PHE A 61 -43.29 2.33 -18.77
N TYR A 62 -42.44 3.36 -18.61
CA TYR A 62 -41.01 3.32 -18.99
C TYR A 62 -40.19 2.35 -18.12
N SER A 63 -40.51 2.37 -16.83
CA SER A 63 -39.85 1.52 -15.85
C SER A 63 -40.17 -0.02 -16.16
N ASN A 64 -41.40 -0.28 -16.50
CA ASN A 64 -41.92 -1.60 -16.94
C ASN A 64 -41.24 -2.06 -18.25
N ILE A 65 -41.11 -1.14 -19.21
CA ILE A 65 -40.41 -1.44 -20.46
C ILE A 65 -38.99 -1.86 -20.16
N SER A 66 -38.33 -1.16 -19.23
CA SER A 66 -36.99 -1.47 -18.90
C SER A 66 -36.84 -2.82 -18.18
N ALA A 67 -37.87 -3.27 -17.48
CA ALA A 67 -37.84 -4.58 -16.80
C ALA A 67 -37.85 -5.70 -17.83
N CYS A 68 -38.51 -5.45 -18.96
CA CYS A 68 -38.52 -6.36 -20.10
C CYS A 68 -37.13 -6.51 -20.75
N TYR A 69 -36.42 -5.38 -20.88
CA TYR A 69 -35.10 -5.36 -21.48
C TYR A 69 -34.05 -5.95 -20.58
N ILE A 70 -34.28 -5.89 -19.29
CA ILE A 70 -33.45 -6.57 -18.30
C ILE A 70 -33.56 -8.08 -18.56
N SER A 71 -34.79 -8.54 -18.71
CA SER A 71 -35.10 -9.95 -18.94
C SER A 71 -34.55 -10.52 -20.25
N THR A 72 -34.46 -9.69 -21.30
CA THR A 72 -33.92 -10.14 -22.59
C THR A 72 -32.41 -9.76 -22.80
N GLY A 73 -31.84 -9.00 -21.87
CA GLY A 73 -30.44 -8.61 -21.94
C GLY A 73 -30.10 -7.39 -22.80
N ASP A 74 -31.09 -6.59 -23.21
CA ASP A 74 -30.74 -5.36 -23.93
C ASP A 74 -30.36 -4.20 -22.97
N LEU A 75 -29.12 -4.22 -22.50
CA LEU A 75 -28.65 -3.32 -21.44
C LEU A 75 -28.73 -1.86 -21.84
N GLU A 76 -28.44 -1.55 -23.10
CA GLU A 76 -28.53 -0.18 -23.59
C GLU A 76 -29.99 0.34 -23.62
N LYS A 77 -30.95 -0.54 -23.92
CA LYS A 77 -32.39 -0.15 -23.88
C LYS A 77 -32.87 0.05 -22.42
N VAL A 78 -32.36 -0.77 -21.51
CA VAL A 78 -32.58 -0.64 -20.07
C VAL A 78 -32.19 0.78 -19.59
N ILE A 79 -31.00 1.20 -20.01
CA ILE A 79 -30.53 2.53 -19.68
C ILE A 79 -31.41 3.63 -20.26
N GLU A 80 -31.81 3.50 -21.52
CA GLU A 80 -32.70 4.47 -22.17
C GLU A 80 -34.07 4.55 -21.43
N PHE A 81 -34.63 3.41 -21.09
CA PHE A 81 -36.01 3.44 -20.53
C PHE A 81 -36.06 3.82 -19.06
N THR A 82 -35.13 3.31 -18.26
CA THR A 82 -35.01 3.75 -16.87
C THR A 82 -34.67 5.24 -16.82
N THR A 83 -33.84 5.73 -17.75
CA THR A 83 -33.60 7.17 -17.89
C THR A 83 -34.83 7.99 -18.18
N LYS A 84 -35.67 7.55 -19.13
CA LYS A 84 -36.97 8.18 -19.35
C LYS A 84 -37.89 8.19 -18.09
N ALA A 85 -37.97 7.06 -17.39
CA ALA A 85 -38.68 6.95 -16.08
C ALA A 85 -38.15 8.01 -15.09
N LEU A 86 -36.83 8.09 -15.01
CA LEU A 86 -36.14 8.96 -14.05
C LEU A 86 -36.14 10.46 -14.38
N GLU A 87 -36.23 10.80 -15.66
CA GLU A 87 -36.44 12.17 -16.08
C GLU A 87 -37.82 12.71 -15.69
N ILE A 88 -38.83 11.82 -15.55
CA ILE A 88 -40.13 12.21 -15.02
C ILE A 88 -40.03 12.26 -13.49
N LYS A 89 -39.50 11.18 -12.90
CA LYS A 89 -39.50 11.04 -11.46
C LYS A 89 -38.13 10.51 -11.03
N PRO A 90 -37.19 11.45 -10.76
CA PRO A 90 -35.76 11.14 -10.45
C PRO A 90 -35.54 10.28 -9.19
N ASP A 91 -36.58 10.09 -8.38
CA ASP A 91 -36.49 9.25 -7.18
C ASP A 91 -37.20 7.88 -7.32
N HIS A 92 -37.63 7.52 -8.53
CA HIS A 92 -38.30 6.21 -8.75
C HIS A 92 -37.36 5.03 -8.40
N SER A 93 -37.72 4.28 -7.37
CA SER A 93 -36.80 3.27 -6.80
C SER A 93 -36.44 2.16 -7.76
N LYS A 94 -37.42 1.58 -8.44
CA LYS A 94 -37.10 0.45 -9.33
C LYS A 94 -36.26 0.88 -10.52
N ALA A 95 -36.55 2.07 -11.08
CA ALA A 95 -35.78 2.60 -12.21
C ALA A 95 -34.32 2.83 -11.79
N LEU A 96 -34.11 3.33 -10.57
CA LEU A 96 -32.77 3.62 -10.14
C LEU A 96 -31.94 2.34 -9.98
N LEU A 97 -32.53 1.34 -9.31
CA LEU A 97 -31.84 0.06 -9.13
C LEU A 97 -31.62 -0.73 -10.45
N ARG A 98 -32.59 -0.68 -11.37
CA ARG A 98 -32.44 -1.32 -12.67
C ARG A 98 -31.35 -0.64 -13.50
N ARG A 99 -31.30 0.69 -13.45
CA ARG A 99 -30.29 1.45 -14.18
C ARG A 99 -28.91 1.20 -13.60
N ALA A 100 -28.79 1.10 -12.27
CA ALA A 100 -27.51 0.75 -11.63
C ALA A 100 -27.08 -0.66 -12.00
N SER A 101 -28.05 -1.56 -12.10
CA SER A 101 -27.79 -2.98 -12.41
C SER A 101 -27.28 -3.14 -13.85
N ALA A 102 -27.94 -2.47 -14.80
CA ALA A 102 -27.48 -2.46 -16.17
C ALA A 102 -26.11 -1.74 -16.37
N ASN A 103 -25.90 -0.62 -15.67
CA ASN A 103 -24.60 0.05 -15.73
C ASN A 103 -23.46 -0.83 -15.18
N GLU A 104 -23.71 -1.56 -14.10
CA GLU A 104 -22.73 -2.49 -13.61
C GLU A 104 -22.35 -3.54 -14.67
N SER A 105 -23.36 -4.13 -15.30
CA SER A 105 -23.19 -5.08 -16.40
C SER A 105 -22.43 -4.51 -17.61
N LEU A 106 -22.61 -3.23 -17.88
CA LEU A 106 -21.95 -2.60 -19.00
C LEU A 106 -20.55 -2.15 -18.56
N GLY A 107 -20.28 -2.23 -17.27
CA GLY A 107 -18.98 -1.84 -16.72
C GLY A 107 -18.87 -0.35 -16.39
N ASN A 108 -20.03 0.33 -16.30
CA ASN A 108 -20.05 1.74 -15.87
C ASN A 108 -20.25 1.79 -14.36
N PHE A 109 -19.21 1.44 -13.62
CA PHE A 109 -19.30 1.29 -12.16
C PHE A 109 -19.52 2.60 -11.40
N THR A 110 -19.02 3.72 -11.90
CA THR A 110 -19.22 5.01 -11.22
C THR A 110 -20.68 5.47 -11.36
N ASP A 111 -21.27 5.31 -12.55
CA ASP A 111 -22.68 5.55 -12.80
C ASP A 111 -23.58 4.65 -11.95
N ALA A 112 -23.22 3.38 -11.84
CA ALA A 112 -23.91 2.44 -10.95
C ALA A 112 -23.85 2.96 -9.52
N MET A 113 -22.64 3.19 -9.00
N MET A 113 -22.62 3.16 -9.00
CA MET A 113 -22.48 3.69 -7.62
CA MET A 113 -22.40 3.71 -7.65
C MET A 113 -23.21 5.01 -7.39
C MET A 113 -23.22 4.98 -7.41
N PHE A 114 -23.27 5.88 -8.39
CA PHE A 114 -24.02 7.14 -8.27
C PHE A 114 -25.52 6.91 -8.03
N ASP A 115 -26.15 6.09 -8.87
CA ASP A 115 -27.57 5.74 -8.72
C ASP A 115 -27.85 4.98 -7.46
N LEU A 116 -26.96 4.08 -7.06
CA LEU A 116 -27.12 3.35 -5.79
C LEU A 116 -27.05 4.27 -4.60
N SER A 117 -26.15 5.26 -4.67
CA SER A 117 -26.07 6.32 -3.66
C SER A 117 -27.35 7.20 -3.59
N VAL A 118 -27.89 7.60 -4.75
CA VAL A 118 -29.17 8.33 -4.83
C VAL A 118 -30.38 7.50 -4.34
N LEU A 119 -30.41 6.22 -4.72
CA LEU A 119 -31.39 5.23 -4.20
C LEU A 119 -31.41 5.16 -2.69
N SER A 120 -30.26 5.19 -2.04
CA SER A 120 -30.25 5.13 -0.58
C SER A 120 -30.56 6.51 0.04
N PRO A 132 -23.92 -4.09 0.07
CA PRO A 132 -23.02 -4.99 -0.65
C PRO A 132 -22.92 -4.65 -2.15
N MET A 133 -23.93 -3.96 -2.67
CA MET A 133 -23.99 -3.59 -4.09
C MET A 133 -23.04 -2.44 -4.39
N LEU A 134 -23.08 -1.45 -3.50
CA LEU A 134 -22.17 -0.30 -3.55
C LEU A 134 -20.73 -0.79 -3.48
N GLU A 135 -20.45 -1.60 -2.46
CA GLU A 135 -19.12 -2.18 -2.23
C GLU A 135 -18.62 -3.03 -3.38
N ARG A 136 -19.51 -3.78 -4.02
CA ARG A 136 -19.11 -4.59 -5.16
C ARG A 136 -18.69 -3.72 -6.35
N ASN A 137 -19.45 -2.67 -6.63
CA ASN A 137 -19.14 -1.77 -7.74
C ASN A 137 -17.92 -0.90 -7.45
N LEU A 138 -17.70 -0.58 -6.17
CA LEU A 138 -16.52 0.17 -5.76
C LEU A 138 -15.28 -0.65 -6.02
N ASN A 139 -15.31 -1.92 -5.63
N ASN A 139 -15.27 -1.89 -5.53
CA ASN A 139 -14.21 -2.82 -5.91
CA ASN A 139 -14.13 -2.79 -5.67
C ASN A 139 -13.94 -2.98 -7.41
C ASN A 139 -13.90 -3.13 -7.15
N LYS A 140 -15.00 -3.24 -8.17
N LYS A 140 -14.99 -3.19 -7.94
CA LYS A 140 -14.87 -3.31 -9.62
CA LYS A 140 -14.86 -3.31 -9.40
C LYS A 140 -14.25 -2.05 -10.19
C LYS A 140 -14.21 -2.10 -10.06
N GLN A 141 -14.62 -0.89 -9.64
CA GLN A 141 -14.08 0.36 -10.14
C GLN A 141 -12.59 0.47 -9.78
N ALA A 142 -12.24 0.05 -8.56
CA ALA A 142 -10.84 0.18 -8.14
C ALA A 142 -9.93 -0.75 -8.99
N MET A 143 -10.36 -1.98 -9.24
N MET A 143 -10.42 -1.96 -9.23
CA MET A 143 -9.59 -2.89 -10.11
CA MET A 143 -9.74 -2.94 -10.09
C MET A 143 -9.51 -2.39 -11.55
C MET A 143 -9.54 -2.39 -11.49
N LYS A 144 -10.64 -1.89 -12.09
CA LYS A 144 -10.57 -1.26 -13.42
C LYS A 144 -9.54 -0.14 -13.48
N VAL A 145 -9.59 0.76 -12.50
CA VAL A 145 -8.61 1.87 -12.46
C VAL A 145 -7.17 1.37 -12.18
N LEU A 146 -6.99 0.49 -11.21
CA LEU A 146 -5.66 -0.09 -10.96
C LEU A 146 -5.11 -0.78 -12.24
N ASN A 147 -5.93 -1.59 -12.89
CA ASN A 147 -5.50 -2.23 -14.15
C ASN A 147 -5.19 -1.23 -15.26
N GLU A 148 -5.95 -0.14 -15.37
CA GLU A 148 -5.65 0.91 -16.37
C GLU A 148 -4.32 1.59 -16.08
N ASN A 149 -4.10 1.91 -14.80
CA ASN A 149 -2.90 2.60 -14.38
C ASN A 149 -1.65 1.77 -14.58
N LEU A 150 -1.72 0.51 -14.14
CA LEU A 150 -0.53 -0.31 -14.10
C LEU A 150 -0.73 -1.51 -14.96
N SER A 158 9.03 -1.48 -11.29
CA SER A 158 9.04 -0.18 -10.60
C SER A 158 10.47 0.42 -10.57
N GLN A 159 10.54 1.74 -10.79
CA GLN A 159 11.79 2.51 -10.71
C GLN A 159 11.85 3.30 -9.40
N VAL A 160 10.76 3.23 -8.63
CA VAL A 160 10.53 4.03 -7.38
C VAL A 160 10.93 3.33 -6.08
N LEU A 161 11.94 3.89 -5.42
CA LEU A 161 12.40 3.44 -4.11
C LEU A 161 11.34 3.58 -3.00
N PRO A 162 11.42 2.73 -1.98
CA PRO A 162 10.65 2.97 -0.77
C PRO A 162 11.13 4.28 -0.12
N SER A 163 10.49 4.72 0.97
CA SER A 163 10.85 5.97 1.66
C SER A 163 12.28 5.88 2.20
N ASN A 164 12.93 7.02 2.40
CA ASN A 164 14.29 7.03 2.98
C ASN A 164 14.30 6.48 4.39
N THR A 165 13.17 6.73 5.10
CA THR A 165 12.94 6.13 6.41
C THR A 165 13.03 4.61 6.37
N SER A 166 12.34 3.98 5.41
N SER A 166 12.32 3.97 5.44
CA SER A 166 12.39 2.52 5.29
CA SER A 166 12.43 2.50 5.35
C SER A 166 13.76 1.97 4.82
C SER A 166 13.83 2.03 4.91
N LEU A 167 14.45 2.71 3.95
CA LEU A 167 15.81 2.35 3.49
C LEU A 167 16.80 2.42 4.65
N ALA A 168 16.73 3.50 5.45
CA ALA A 168 17.66 3.62 6.59
C ALA A 168 17.46 2.48 7.57
N SER A 169 16.21 2.09 7.79
CA SER A 169 15.92 0.98 8.71
C SER A 169 16.50 -0.34 8.16
N PHE A 170 16.24 -0.58 6.88
CA PHE A 170 16.70 -1.81 6.24
C PHE A 170 18.23 -1.95 6.34
N PHE A 171 18.94 -0.88 6.04
CA PHE A 171 20.42 -0.96 6.07
C PHE A 171 21.07 -0.77 7.45
N GLY A 172 20.28 -0.48 8.49
CA GLY A 172 20.76 -0.13 9.84
C GLY A 172 21.61 -1.21 10.50
N ILE A 173 21.27 -2.48 10.22
CA ILE A 173 22.07 -3.60 10.82
C ILE A 173 23.52 -3.80 10.24
N PHE A 174 23.76 -3.33 9.01
CA PHE A 174 25.02 -3.64 8.32
C PHE A 174 26.12 -2.74 8.84
N ASP A 175 27.37 -3.17 8.70
CA ASP A 175 28.57 -2.47 9.21
C ASP A 175 29.05 -1.74 7.97
N SER A 176 28.85 -0.42 7.93
N SER A 176 28.80 -0.42 7.96
CA SER A 176 29.15 0.34 6.73
CA SER A 176 28.98 0.40 6.79
C SER A 176 30.61 0.19 6.29
C SER A 176 30.42 0.44 6.32
N HIS A 177 31.54 0.49 7.19
N HIS A 177 31.34 0.39 7.27
CA HIS A 177 32.94 0.46 6.82
CA HIS A 177 32.75 0.48 6.89
C HIS A 177 33.28 -0.87 6.17
C HIS A 177 33.20 -0.81 6.20
N LEU A 178 32.78 -1.95 6.75
CA LEU A 178 33.05 -3.27 6.19
C LEU A 178 32.49 -3.40 4.78
N GLU A 179 31.26 -2.93 4.59
CA GLU A 179 30.62 -3.08 3.28
C GLU A 179 31.33 -2.23 2.23
N VAL A 180 31.59 -0.97 2.58
CA VAL A 180 32.33 -0.10 1.64
C VAL A 180 33.76 -0.65 1.32
N SER A 181 34.47 -1.16 2.32
N SER A 181 34.46 -1.19 2.32
CA SER A 181 35.82 -1.66 2.10
CA SER A 181 35.80 -1.75 2.11
C SER A 181 35.85 -3.01 1.39
C SER A 181 35.78 -3.13 1.44
N SER A 182 34.68 -3.65 1.16
N SER A 182 34.60 -3.68 1.14
CA SER A 182 34.68 -4.99 0.54
CA SER A 182 34.54 -5.02 0.51
C SER A 182 34.89 -4.98 -0.97
C SER A 182 34.84 -4.99 -0.99
N VAL A 183 34.93 -3.78 -1.55
CA VAL A 183 35.26 -3.62 -2.98
C VAL A 183 36.78 -3.95 -3.14
N ASN A 184 37.11 -4.85 -4.06
CA ASN A 184 38.47 -5.30 -4.34
C ASN A 184 39.13 -4.33 -5.36
N THR A 185 40.30 -3.76 -5.00
CA THR A 185 40.96 -2.74 -5.83
C THR A 185 42.09 -3.31 -6.70
N SER A 186 42.24 -4.62 -6.69
CA SER A 186 43.42 -5.27 -7.28
C SER A 186 43.24 -5.95 -8.63
N SER A 187 42.05 -5.87 -9.24
CA SER A 187 41.87 -6.46 -10.58
C SER A 187 42.71 -5.77 -11.66
N ASN A 188 43.07 -6.53 -12.68
CA ASN A 188 43.71 -5.97 -13.89
C ASN A 188 42.77 -5.58 -15.02
N TYR A 189 41.46 -5.81 -14.84
CA TYR A 189 40.47 -5.62 -15.93
C TYR A 189 39.20 -4.84 -15.52
N ASP A 190 38.99 -4.70 -14.21
CA ASP A 190 37.75 -4.17 -13.69
C ASP A 190 37.76 -2.66 -13.86
N THR A 191 36.95 -2.17 -14.76
CA THR A 191 36.75 -0.74 -14.91
C THR A 191 35.48 -0.21 -14.20
N ALA A 192 34.83 -1.04 -13.39
CA ALA A 192 33.58 -0.58 -12.74
C ALA A 192 33.72 -0.42 -11.24
N TYR A 193 34.82 -0.90 -10.67
CA TYR A 193 34.94 -0.95 -9.21
C TYR A 193 34.90 0.42 -8.52
N ALA A 194 35.38 1.47 -9.20
CA ALA A 194 35.42 2.80 -8.58
C ALA A 194 33.97 3.32 -8.54
N LEU A 195 33.20 2.99 -9.55
CA LEU A 195 31.81 3.40 -9.59
C LEU A 195 31.04 2.61 -8.52
N LEU A 196 31.36 1.32 -8.41
CA LEU A 196 30.76 0.48 -7.37
C LEU A 196 31.10 1.03 -5.96
N SER A 197 32.35 1.40 -5.76
CA SER A 197 32.74 1.98 -4.52
C SER A 197 31.94 3.26 -4.15
N ASP A 198 31.80 4.19 -5.11
CA ASP A 198 30.98 5.38 -4.95
C ASP A 198 29.51 5.01 -4.62
N ALA A 199 28.96 4.01 -5.31
CA ALA A 199 27.61 3.52 -5.03
C ALA A 199 27.48 3.10 -3.56
N LEU A 200 28.45 2.34 -3.05
CA LEU A 200 28.33 1.85 -1.71
C LEU A 200 28.56 2.97 -0.72
N GLN A 201 29.51 3.85 -1.01
N GLN A 201 29.50 3.88 -0.97
CA GLN A 201 29.77 5.03 -0.19
CA GLN A 201 29.72 5.00 -0.04
C GLN A 201 28.50 5.80 0.01
C GLN A 201 28.47 5.86 0.03
N ARG A 202 27.85 6.12 -1.11
CA ARG A 202 26.56 6.82 -1.09
C ARG A 202 25.48 6.07 -0.29
N LEU A 203 25.37 4.76 -0.56
CA LEU A 203 24.36 3.94 0.14
C LEU A 203 24.48 4.13 1.66
N TYR A 204 25.69 3.95 2.17
CA TYR A 204 25.96 3.95 3.59
C TYR A 204 26.14 5.33 4.22
N SER A 205 26.02 6.39 3.40
CA SER A 205 25.88 7.76 3.93
C SER A 205 24.51 7.94 4.63
N ALA A 206 23.54 7.05 4.34
CA ALA A 206 22.19 7.14 4.92
C ALA A 206 21.59 8.55 4.83
N THR A 207 21.48 9.06 3.61
CA THR A 207 20.87 10.37 3.31
C THR A 207 19.89 10.25 2.14
N ASP A 208 18.97 11.20 2.00
CA ASP A 208 18.00 11.22 0.87
C ASP A 208 18.74 11.16 -0.48
N GLU A 209 19.79 11.97 -0.62
CA GLU A 209 20.59 11.97 -1.85
C GLU A 209 21.37 10.68 -2.00
N GLY A 210 21.86 10.15 -0.89
CA GLY A 210 22.67 8.93 -0.88
C GLY A 210 21.92 7.74 -1.49
N TYR A 211 20.64 7.56 -1.16
CA TYR A 211 19.88 6.41 -1.70
C TYR A 211 19.60 6.55 -3.19
N LEU A 212 19.20 7.74 -3.63
CA LEU A 212 18.97 8.01 -5.06
C LEU A 212 20.25 7.77 -5.87
N VAL A 213 21.39 8.24 -5.39
CA VAL A 213 22.65 8.04 -6.08
C VAL A 213 23.10 6.58 -6.02
N ALA A 214 22.96 5.93 -4.87
CA ALA A 214 23.26 4.52 -4.80
C ALA A 214 22.46 3.71 -5.80
N ASN A 215 21.15 3.98 -5.90
CA ASN A 215 20.28 3.26 -6.81
C ASN A 215 20.74 3.44 -8.25
N ASP A 216 21.05 4.67 -8.63
CA ASP A 216 21.52 4.97 -9.97
C ASP A 216 22.83 4.21 -10.31
N LEU A 217 23.79 4.28 -9.39
CA LEU A 217 25.13 3.81 -9.65
C LEU A 217 25.26 2.28 -9.52
N LEU A 218 24.45 1.67 -8.65
CA LEU A 218 24.39 0.20 -8.59
C LEU A 218 23.92 -0.32 -9.93
N THR A 219 22.82 0.25 -10.46
CA THR A 219 22.30 -0.19 -11.78
C THR A 219 23.37 -0.04 -12.88
N LYS A 220 23.99 1.14 -12.91
CA LYS A 220 25.11 1.35 -13.84
C LYS A 220 26.30 0.41 -13.66
N SER A 221 26.72 0.17 -12.41
CA SER A 221 27.79 -0.81 -12.15
C SER A 221 27.41 -2.21 -12.63
N THR A 222 26.17 -2.64 -12.37
CA THR A 222 25.70 -3.99 -12.77
C THR A 222 25.77 -4.11 -14.30
N ASP A 223 25.32 -3.06 -14.98
CA ASP A 223 25.35 -3.09 -16.45
C ASP A 223 26.78 -3.20 -16.94
N MET A 224 27.71 -2.48 -16.33
CA MET A 224 29.13 -2.56 -16.70
C MET A 224 29.68 -3.96 -16.41
N TYR A 225 29.30 -4.54 -15.27
CA TYR A 225 29.74 -5.89 -14.90
C TYR A 225 29.26 -6.96 -15.88
N HIS A 226 28.00 -6.83 -16.34
CA HIS A 226 27.44 -7.76 -17.34
C HIS A 226 28.28 -7.73 -18.63
N SER A 227 28.72 -6.53 -18.99
N SER A 227 28.75 -6.55 -19.00
CA SER A 227 29.60 -6.33 -20.15
CA SER A 227 29.62 -6.41 -20.20
C SER A 227 30.97 -6.97 -19.96
C SER A 227 31.01 -6.97 -19.98
N LEU A 228 31.61 -6.65 -18.84
CA LEU A 228 32.93 -7.15 -18.46
C LEU A 228 33.01 -8.68 -18.38
N LEU A 229 31.96 -9.28 -17.80
CA LEU A 229 31.89 -10.73 -17.68
C LEU A 229 31.76 -11.34 -19.06
N SER A 230 31.14 -10.59 -19.97
CA SER A 230 31.31 -10.65 -21.46
C SER A 230 30.11 -11.20 -22.15
N THR A 233 38.29 -11.45 -21.02
CA THR A 233 39.34 -11.65 -20.04
C THR A 233 38.91 -11.05 -18.68
N VAL A 234 38.85 -11.90 -17.66
CA VAL A 234 38.27 -11.60 -16.35
C VAL A 234 39.28 -12.15 -15.36
N ASP A 235 39.35 -11.58 -14.16
CA ASP A 235 40.06 -12.22 -13.06
C ASP A 235 39.16 -12.32 -11.81
N ASP A 236 39.61 -13.06 -10.80
CA ASP A 236 38.84 -13.24 -9.55
C ASP A 236 38.42 -11.98 -8.78
N PRO A 237 39.30 -10.97 -8.65
CA PRO A 237 38.86 -9.67 -8.07
C PRO A 237 37.63 -9.06 -8.80
N LEU A 238 37.65 -9.09 -10.12
CA LEU A 238 36.54 -8.61 -10.92
C LEU A 238 35.30 -9.47 -10.67
N ARG A 239 35.44 -10.79 -10.70
CA ARG A 239 34.30 -11.69 -10.34
C ARG A 239 33.67 -11.40 -8.97
N GLU A 240 34.49 -11.13 -7.96
CA GLU A 240 33.98 -10.84 -6.61
C GLU A 240 33.31 -9.44 -6.53
N ASN A 241 33.89 -8.49 -7.26
CA ASN A 241 33.28 -7.16 -7.33
C ASN A 241 31.94 -7.23 -8.09
N ALA A 242 31.90 -8.00 -9.17
CA ALA A 242 30.64 -8.20 -9.92
C ALA A 242 29.57 -8.80 -8.97
N ALA A 243 29.96 -9.80 -8.17
CA ALA A 243 29.02 -10.50 -7.29
C ALA A 243 28.47 -9.48 -6.25
N LEU A 244 29.37 -8.62 -5.78
CA LEU A 244 29.01 -7.56 -4.86
C LEU A 244 28.06 -6.53 -5.47
N ALA A 245 28.31 -6.09 -6.72
CA ALA A 245 27.41 -5.16 -7.41
C ALA A 245 26.01 -5.81 -7.60
N LEU A 246 26.03 -7.06 -8.06
CA LEU A 246 24.83 -7.83 -8.31
C LEU A 246 24.01 -8.08 -7.06
N CYS A 247 24.69 -8.36 -5.94
CA CYS A 247 24.08 -8.56 -4.66
C CYS A 247 23.33 -7.28 -4.21
N TYR A 248 23.99 -6.11 -4.28
CA TYR A 248 23.28 -4.87 -3.88
C TYR A 248 22.24 -4.38 -4.86
N THR A 249 22.48 -4.54 -6.16
CA THR A 249 21.49 -4.12 -7.18
C THR A 249 20.24 -5.01 -7.03
N GLY A 250 20.47 -6.28 -6.68
CA GLY A 250 19.46 -7.27 -6.35
C GLY A 250 18.56 -6.89 -5.18
N ILE A 251 19.17 -6.55 -4.05
CA ILE A 251 18.40 -6.12 -2.87
C ILE A 251 17.69 -4.81 -3.15
N PHE A 252 18.28 -3.94 -3.97
CA PHE A 252 17.53 -2.74 -4.37
C PHE A 252 16.28 -3.07 -5.17
N HIS A 253 16.38 -4.08 -6.03
CA HIS A 253 15.16 -4.58 -6.70
C HIS A 253 14.12 -5.14 -5.73
N PHE A 254 14.54 -5.95 -4.77
CA PHE A 254 13.67 -6.43 -3.70
C PHE A 254 12.97 -5.26 -2.96
N LEU A 255 13.77 -4.26 -2.57
CA LEU A 255 13.21 -3.02 -1.95
C LEU A 255 12.18 -2.27 -2.84
N LYS A 256 12.42 -2.28 -4.15
CA LYS A 256 11.44 -1.72 -5.12
C LYS A 256 10.25 -2.62 -5.47
N ASN A 257 10.20 -3.79 -4.83
CA ASN A 257 9.26 -4.92 -5.11
C ASN A 257 9.33 -5.58 -6.46
N ASN A 258 10.53 -5.63 -7.07
CA ASN A 258 10.68 -6.36 -8.36
C ASN A 258 11.33 -7.65 -7.95
N LEU A 259 10.53 -8.61 -7.49
CA LEU A 259 11.06 -9.78 -6.80
C LEU A 259 11.79 -10.71 -7.78
N LEU A 260 11.26 -10.85 -8.99
CA LEU A 260 11.93 -11.70 -10.03
C LEU A 260 13.27 -11.06 -10.43
N ASP A 261 13.28 -9.75 -10.72
CA ASP A 261 14.52 -9.02 -11.01
C ASP A 261 15.54 -9.23 -9.88
N ALA A 262 15.06 -9.17 -8.63
CA ALA A 262 15.93 -9.36 -7.50
C ALA A 262 16.52 -10.77 -7.51
N GLN A 263 15.65 -11.76 -7.69
CA GLN A 263 16.11 -13.14 -7.61
C GLN A 263 17.12 -13.44 -8.72
N VAL A 264 16.88 -12.89 -9.90
CA VAL A 264 17.80 -13.16 -11.01
C VAL A 264 19.22 -12.67 -10.66
N LEU A 265 19.34 -11.46 -10.12
CA LEU A 265 20.65 -10.87 -9.85
C LEU A 265 21.32 -11.54 -8.67
N LEU A 266 20.52 -11.89 -7.66
CA LEU A 266 21.07 -12.53 -6.47
C LEU A 266 21.63 -13.89 -6.82
N GLN A 267 20.91 -14.60 -7.71
CA GLN A 267 21.39 -15.92 -8.17
C GLN A 267 22.67 -15.75 -8.98
N GLU A 268 22.71 -14.77 -9.87
CA GLU A 268 23.94 -14.44 -10.58
C GLU A 268 25.10 -14.12 -9.64
N SER A 269 24.84 -13.35 -8.57
CA SER A 269 25.84 -13.06 -7.57
C SER A 269 26.40 -14.34 -6.90
N ILE A 270 25.49 -15.23 -6.50
CA ILE A 270 25.85 -16.52 -5.94
C ILE A 270 26.63 -17.37 -6.93
N ASN A 271 26.23 -17.35 -8.20
CA ASN A 271 26.92 -18.14 -9.23
C ASN A 271 28.35 -17.67 -9.44
N LEU A 272 28.64 -16.43 -9.08
CA LEU A 272 29.97 -15.87 -9.24
C LEU A 272 30.79 -16.05 -7.97
N HIS A 273 30.28 -15.51 -6.85
CA HIS A 273 30.96 -15.61 -5.57
C HIS A 273 29.97 -15.56 -4.41
N PRO A 274 29.71 -16.71 -3.81
CA PRO A 274 28.77 -16.81 -2.69
C PRO A 274 29.23 -15.94 -1.51
N THR A 275 28.28 -15.29 -0.85
CA THR A 275 28.59 -14.44 0.29
C THR A 275 27.38 -14.53 1.21
N PRO A 276 27.59 -14.28 2.52
CA PRO A 276 26.40 -14.26 3.38
C PRO A 276 25.33 -13.26 2.94
N ASN A 277 25.71 -12.05 2.53
CA ASN A 277 24.72 -11.07 2.10
C ASN A 277 23.82 -11.60 0.98
N SER A 278 24.40 -12.25 -0.02
CA SER A 278 23.61 -12.71 -1.16
C SER A 278 22.59 -13.78 -0.73
N TYR A 279 22.99 -14.65 0.21
CA TYR A 279 22.02 -15.61 0.80
C TYR A 279 20.92 -14.96 1.67
N ILE A 280 21.32 -14.03 2.54
CA ILE A 280 20.33 -13.28 3.32
C ILE A 280 19.31 -12.61 2.37
N PHE A 281 19.82 -11.93 1.36
CA PHE A 281 19.02 -11.17 0.44
C PHE A 281 18.10 -12.08 -0.39
N LEU A 282 18.63 -13.22 -0.86
CA LEU A 282 17.81 -14.12 -1.65
C LEU A 282 16.71 -14.73 -0.75
N ALA A 283 17.05 -15.06 0.49
CA ALA A 283 16.04 -15.58 1.44
C ALA A 283 14.88 -14.58 1.63
N LEU A 284 15.20 -13.30 1.84
CA LEU A 284 14.20 -12.26 1.98
C LEU A 284 13.31 -12.18 0.74
N THR A 285 13.95 -12.28 -0.44
CA THR A 285 13.23 -12.23 -1.72
C THR A 285 12.25 -13.38 -1.89
N LEU A 286 12.60 -14.55 -1.39
CA LEU A 286 11.78 -15.75 -1.60
C LEU A 286 10.96 -16.13 -0.38
N ALA A 287 10.92 -15.28 0.64
CA ALA A 287 10.22 -15.58 1.90
C ALA A 287 8.75 -15.97 1.63
N ASP A 288 8.24 -16.93 2.41
CA ASP A 288 6.99 -17.67 2.09
C ASP A 288 6.19 -17.87 3.37
N LYS A 289 5.03 -17.21 3.49
CA LYS A 289 4.20 -17.33 4.73
C LYS A 289 3.76 -18.77 5.03
N GLU A 290 3.75 -19.61 4.00
CA GLU A 290 3.36 -21.01 4.17
C GLU A 290 4.51 -21.85 4.71
N ASN A 291 5.51 -22.08 3.87
CA ASN A 291 6.67 -22.87 4.26
C ASN A 291 7.91 -22.01 4.46
N SER A 292 8.44 -22.02 5.69
CA SER A 292 9.64 -21.25 6.01
C SER A 292 10.87 -22.15 6.08
N GLN A 293 10.76 -23.34 5.50
CA GLN A 293 11.86 -24.30 5.51
C GLN A 293 13.00 -23.82 4.60
N GLU A 294 12.65 -23.31 3.43
CA GLU A 294 13.65 -22.81 2.46
C GLU A 294 14.40 -21.58 3.01
N PHE A 295 13.67 -20.64 3.63
CA PHE A 295 14.25 -19.47 4.29
C PHE A 295 15.38 -19.90 5.26
N PHE A 296 15.10 -20.88 6.10
CA PHE A 296 16.07 -21.30 7.10
C PHE A 296 17.24 -22.07 6.52
N LYS A 297 17.03 -22.80 5.42
CA LYS A 297 18.16 -23.47 4.75
C LYS A 297 19.13 -22.46 4.06
N PHE A 298 18.58 -21.41 3.43
CA PHE A 298 19.46 -20.31 2.95
C PHE A 298 20.31 -19.72 4.07
N PHE A 299 19.68 -19.53 5.24
CA PHE A 299 20.40 -18.97 6.36
C PHE A 299 21.46 -19.91 6.87
N GLN A 300 21.22 -21.23 6.84
CA GLN A 300 22.27 -22.19 7.21
C GLN A 300 23.45 -22.06 6.25
N LYS A 301 23.16 -21.88 4.97
CA LYS A 301 24.23 -21.65 4.00
C LYS A 301 25.00 -20.36 4.27
N ALA A 302 24.28 -19.28 4.66
CA ALA A 302 24.91 -18.01 5.01
C ALA A 302 25.80 -18.21 6.24
N VAL A 303 25.27 -18.90 7.26
CA VAL A 303 26.07 -19.21 8.46
C VAL A 303 27.35 -19.97 8.10
N ASP A 304 27.23 -21.02 7.29
CA ASP A 304 28.38 -21.80 6.82
C ASP A 304 29.48 -20.98 6.14
N LEU A 305 29.10 -19.99 5.35
CA LEU A 305 30.06 -19.14 4.66
C LEU A 305 30.79 -18.22 5.64
N ASN A 306 30.13 -17.91 6.75
CA ASN A 306 30.71 -17.04 7.76
C ASN A 306 29.91 -17.07 9.07
N PRO A 307 30.37 -17.88 10.02
CA PRO A 307 29.70 -18.00 11.32
C PRO A 307 30.01 -16.82 12.23
N GLU A 308 30.76 -15.84 11.71
CA GLU A 308 31.13 -14.67 12.49
C GLU A 308 30.58 -13.39 11.85
N TYR A 309 29.45 -13.53 11.16
CA TYR A 309 28.79 -12.36 10.48
C TYR A 309 27.48 -11.91 11.18
N PRO A 310 27.50 -10.75 11.85
CA PRO A 310 26.32 -10.36 12.65
C PRO A 310 24.95 -10.31 11.91
N PRO A 311 24.86 -9.69 10.71
CA PRO A 311 23.54 -9.60 10.03
C PRO A 311 22.87 -10.93 9.71
N THR A 312 23.63 -12.00 9.51
CA THR A 312 23.03 -13.32 9.35
C THR A 312 22.11 -13.70 10.54
N TYR A 313 22.62 -13.56 11.76
CA TYR A 313 21.89 -13.92 12.96
C TYR A 313 20.79 -12.94 13.21
N TYR A 314 21.07 -11.66 12.99
CA TYR A 314 20.04 -10.64 13.16
C TYR A 314 18.80 -10.90 12.28
N HIS A 315 19.04 -11.12 11.00
CA HIS A 315 17.91 -11.40 10.09
C HIS A 315 17.18 -12.71 10.34
N ARG A 316 17.94 -13.74 10.73
CA ARG A 316 17.29 -14.97 11.12
C ARG A 316 16.47 -14.76 12.40
N GLY A 317 17.04 -14.06 13.40
CA GLY A 317 16.26 -13.65 14.58
C GLY A 317 15.00 -12.88 14.25
N GLN A 318 15.09 -11.94 13.29
CA GLN A 318 13.88 -11.23 12.83
C GLN A 318 12.75 -12.17 12.34
N MET A 319 13.12 -13.17 11.56
CA MET A 319 12.16 -14.12 11.10
C MET A 319 11.60 -14.97 12.26
N TYR A 320 12.44 -15.48 13.16
CA TYR A 320 11.91 -16.22 14.34
C TYR A 320 10.97 -15.32 15.16
N PHE A 321 11.29 -14.02 15.23
CA PHE A 321 10.49 -13.03 15.94
C PHE A 321 9.13 -12.90 15.31
N ILE A 322 9.12 -12.73 13.98
CA ILE A 322 7.89 -12.67 13.20
C ILE A 322 7.02 -13.95 13.36
N LEU A 323 7.67 -15.11 13.34
CA LEU A 323 7.01 -16.39 13.58
C LEU A 323 6.70 -16.63 15.08
N GLN A 324 6.99 -15.63 15.90
CA GLN A 324 6.68 -15.65 17.34
C GLN A 324 7.42 -16.79 18.07
N ASP A 325 8.55 -17.22 17.52
CA ASP A 325 9.38 -18.20 18.19
C ASP A 325 10.40 -17.42 19.01
N TYR A 326 10.01 -17.01 20.22
CA TYR A 326 10.79 -16.01 20.95
C TYR A 326 12.09 -16.55 21.52
N LYS A 327 12.10 -17.84 21.87
CA LYS A 327 13.34 -18.46 22.36
C LYS A 327 14.43 -18.44 21.30
N ASN A 328 14.13 -18.93 20.10
CA ASN A 328 15.11 -18.92 19.03
C ASN A 328 15.44 -17.49 18.58
N ALA A 329 14.46 -16.58 18.60
CA ALA A 329 14.74 -15.18 18.24
C ALA A 329 15.78 -14.59 19.17
N LYS A 330 15.59 -14.80 20.47
CA LYS A 330 16.53 -14.29 21.47
C LYS A 330 17.94 -14.80 21.27
N GLU A 331 18.08 -16.10 21.04
N GLU A 331 18.10 -16.08 21.02
CA GLU A 331 19.38 -16.73 20.77
CA GLU A 331 19.44 -16.64 20.85
C GLU A 331 20.11 -16.00 19.64
C GLU A 331 20.17 -16.10 19.60
N ASP A 332 19.44 -15.87 18.50
CA ASP A 332 20.01 -15.18 17.35
C ASP A 332 20.32 -13.71 17.60
N PHE A 333 19.41 -13.00 18.25
CA PHE A 333 19.73 -11.58 18.53
C PHE A 333 20.93 -11.45 19.49
N GLN A 334 21.02 -12.36 20.45
CA GLN A 334 22.16 -12.34 21.34
C GLN A 334 23.45 -12.63 20.57
N LYS A 335 23.38 -13.52 19.60
CA LYS A 335 24.56 -13.80 18.77
C LYS A 335 24.94 -12.57 17.95
N ALA A 336 23.96 -11.92 17.31
CA ALA A 336 24.25 -10.68 16.56
C ALA A 336 24.86 -9.62 17.46
N GLN A 337 24.29 -9.43 18.66
CA GLN A 337 24.80 -8.48 19.61
C GLN A 337 26.27 -8.78 20.00
N SER A 338 26.59 -10.06 20.24
N SER A 338 26.60 -10.03 20.29
CA SER A 338 27.95 -10.52 20.66
CA SER A 338 27.98 -10.35 20.66
C SER A 338 29.04 -10.39 19.58
C SER A 338 28.96 -9.99 19.54
N LEU A 339 28.62 -10.38 18.33
CA LEU A 339 29.49 -10.17 17.18
C LEU A 339 29.65 -8.70 16.78
N ASN A 340 28.64 -7.86 17.04
CA ASN A 340 28.78 -6.42 16.75
C ASN A 340 28.10 -5.67 17.90
N PRO A 341 28.80 -5.51 19.06
CA PRO A 341 28.05 -4.91 20.19
C PRO A 341 27.83 -3.38 20.05
N GLU A 342 28.38 -2.77 19.01
CA GLU A 342 28.24 -1.32 18.81
C GLU A 342 27.02 -0.97 17.97
N ASN A 343 26.30 -1.98 17.52
CA ASN A 343 25.09 -1.73 16.73
C ASN A 343 23.87 -1.75 17.65
N VAL A 344 23.08 -0.71 17.58
CA VAL A 344 21.92 -0.58 18.51
C VAL A 344 20.76 -1.57 18.22
N TYR A 345 20.66 -2.08 16.99
CA TYR A 345 19.47 -2.90 16.65
C TYR A 345 19.28 -4.22 17.38
N PRO A 346 20.36 -5.03 17.60
CA PRO A 346 20.14 -6.23 18.42
C PRO A 346 19.57 -5.97 19.84
N TYR A 347 20.01 -4.87 20.48
CA TYR A 347 19.57 -4.51 21.81
C TYR A 347 18.07 -4.18 21.77
N ILE A 348 17.67 -3.36 20.80
CA ILE A 348 16.30 -2.98 20.64
C ILE A 348 15.43 -4.22 20.44
N GLN A 349 15.87 -5.15 19.59
CA GLN A 349 15.04 -6.34 19.38
C GLN A 349 14.86 -7.18 20.63
N LEU A 350 15.93 -7.39 21.39
CA LEU A 350 15.93 -8.07 22.67
C LEU A 350 14.99 -7.38 23.64
N ALA A 351 14.97 -6.05 23.67
CA ALA A 351 14.03 -5.35 24.59
C ALA A 351 12.58 -5.57 24.16
N CYS A 352 12.34 -5.53 22.84
CA CYS A 352 11.00 -5.78 22.25
C CYS A 352 10.50 -7.19 22.56
N LEU A 353 11.40 -8.18 22.50
N LEU A 353 11.42 -8.13 22.51
CA LEU A 353 11.03 -9.56 22.84
CA LEU A 353 11.12 -9.52 22.82
C LEU A 353 10.53 -9.67 24.27
C LEU A 353 10.57 -9.67 24.24
N LEU A 354 11.19 -8.98 25.20
CA LEU A 354 10.74 -8.99 26.61
C LEU A 354 9.31 -8.48 26.73
N TYR A 355 9.00 -7.42 25.97
CA TYR A 355 7.66 -6.89 26.02
C TYR A 355 6.66 -7.89 25.46
N LYS A 356 6.97 -8.50 24.31
CA LYS A 356 6.11 -9.55 23.68
C LYS A 356 5.94 -10.80 24.54
N GLN A 357 6.94 -11.11 25.36
CA GLN A 357 6.91 -12.27 26.23
C GLN A 357 5.99 -12.04 27.43
N GLY A 358 5.58 -10.79 27.61
CA GLY A 358 4.71 -10.43 28.72
C GLY A 358 5.46 -9.85 29.90
N LYS A 359 6.59 -9.20 29.61
CA LYS A 359 7.41 -8.60 30.65
C LYS A 359 7.76 -7.15 30.31
N PHE A 360 6.84 -6.24 30.63
CA PHE A 360 7.04 -4.82 30.37
C PHE A 360 8.19 -4.27 31.19
N THR A 361 8.10 -4.43 32.51
CA THR A 361 9.13 -3.95 33.42
C THR A 361 10.52 -4.27 32.88
N GLU A 362 10.79 -5.55 32.65
CA GLU A 362 12.09 -5.98 32.13
C GLU A 362 12.42 -5.32 30.75
N SER A 363 11.41 -5.17 29.89
CA SER A 363 11.56 -4.50 28.60
C SER A 363 11.99 -3.03 28.79
N GLU A 364 11.27 -2.30 29.63
CA GLU A 364 11.56 -0.90 29.97
C GLU A 364 13.00 -0.73 30.52
N ALA A 365 13.39 -1.63 31.44
CA ALA A 365 14.76 -1.67 31.96
C ALA A 365 15.80 -1.91 30.87
N PHE A 366 15.50 -2.80 29.92
CA PHE A 366 16.45 -3.08 28.84
C PHE A 366 16.58 -1.83 27.93
N PHE A 367 15.45 -1.21 27.60
CA PHE A 367 15.48 0.04 26.82
C PHE A 367 16.29 1.12 27.56
N ASN A 368 16.11 1.24 28.87
N ASN A 368 16.10 1.22 28.89
CA ASN A 368 16.85 2.24 29.64
CA ASN A 368 16.84 2.17 29.76
C ASN A 368 18.35 1.99 29.65
C ASN A 368 18.32 1.98 29.64
N GLU A 369 18.74 0.72 29.78
CA GLU A 369 20.15 0.33 29.72
C GLU A 369 20.76 0.60 28.33
N THR A 370 19.96 0.34 27.29
CA THR A 370 20.33 0.63 25.91
C THR A 370 20.46 2.15 25.68
N LYS A 371 19.48 2.93 26.15
N LYS A 371 19.49 2.93 26.18
N LYS A 371 19.48 2.95 26.15
CA LYS A 371 19.59 4.39 26.12
CA LYS A 371 19.56 4.39 26.15
CA LYS A 371 19.54 4.42 26.14
C LYS A 371 20.93 4.82 26.71
C LYS A 371 20.87 4.90 26.77
C LYS A 371 20.82 4.97 26.83
N LEU A 372 21.28 4.34 27.92
CA LEU A 372 22.59 4.72 28.58
C LEU A 372 23.83 4.52 27.71
N LYS A 373 23.86 3.39 26.99
N LYS A 373 23.89 3.41 26.98
CA LYS A 373 24.93 3.08 26.02
CA LYS A 373 25.03 3.19 26.05
C LYS A 373 24.86 3.95 24.77
C LYS A 373 24.87 3.81 24.66
N PHE A 374 23.64 4.20 24.30
CA PHE A 374 23.41 4.91 23.00
C PHE A 374 22.57 6.16 23.21
N PRO A 375 23.08 7.12 24.00
CA PRO A 375 22.25 8.23 24.39
C PRO A 375 21.93 9.20 23.27
N THR A 376 22.57 9.08 22.11
CA THR A 376 22.20 10.00 21.04
C THR A 376 21.29 9.36 19.99
N LEU A 377 21.06 8.04 20.07
CA LEU A 377 20.31 7.38 18.99
C LEU A 377 18.79 7.47 19.17
N PRO A 378 18.09 8.04 18.17
CA PRO A 378 16.63 8.06 18.28
C PRO A 378 15.92 6.70 18.12
N GLU A 379 16.61 5.67 17.62
CA GLU A 379 16.03 4.31 17.54
C GLU A 379 15.46 3.88 18.91
N VAL A 380 16.18 4.15 20.00
CA VAL A 380 15.74 3.70 21.33
C VAL A 380 14.36 4.27 21.76
N PRO A 381 14.19 5.63 21.85
CA PRO A 381 12.88 6.11 22.23
C PRO A 381 11.80 5.87 21.16
N THR A 382 12.17 5.79 19.87
CA THR A 382 11.14 5.51 18.84
C THR A 382 10.51 4.11 19.04
N PHE A 383 11.35 3.10 19.21
CA PHE A 383 10.81 1.73 19.44
C PHE A 383 10.12 1.60 20.78
N PHE A 384 10.62 2.32 21.78
CA PHE A 384 10.00 2.28 23.07
C PHE A 384 8.61 2.96 23.00
N ALA A 385 8.51 4.07 22.26
CA ALA A 385 7.23 4.74 22.09
C ALA A 385 6.16 3.85 21.47
N GLU A 386 6.58 2.94 20.57
CA GLU A 386 5.65 1.98 19.93
C GLU A 386 5.08 1.02 20.95
N ILE A 387 5.92 0.59 21.89
CA ILE A 387 5.49 -0.28 23.02
C ILE A 387 4.57 0.46 23.97
N LEU A 388 4.92 1.69 24.34
CA LEU A 388 4.02 2.52 25.12
C LEU A 388 2.64 2.71 24.48
N THR A 389 2.60 2.92 23.17
CA THR A 389 1.37 3.15 22.45
C THR A 389 0.49 1.89 22.54
N ASP A 390 1.11 0.73 22.29
CA ASP A 390 0.49 -0.60 22.46
C ASP A 390 -0.09 -0.85 23.86
N ARG A 391 0.60 -0.35 24.90
CA ARG A 391 0.11 -0.39 26.26
C ARG A 391 -1.00 0.64 26.54
N GLY A 392 -1.22 1.56 25.61
CA GLY A 392 -2.18 2.66 25.83
C GLY A 392 -1.66 3.81 26.68
N ASP A 393 -0.34 3.89 26.91
CA ASP A 393 0.22 5.05 27.61
C ASP A 393 0.63 6.06 26.55
N PHE A 394 -0.39 6.71 26.05
CA PHE A 394 -0.23 7.66 24.93
C PHE A 394 0.58 8.91 25.28
N ASP A 395 0.42 9.45 26.49
CA ASP A 395 1.14 10.64 26.92
C ASP A 395 2.66 10.38 27.02
N THR A 396 3.06 9.25 27.62
CA THR A 396 4.46 8.87 27.66
C THR A 396 4.97 8.56 26.26
N ALA A 397 4.15 7.92 25.41
CA ALA A 397 4.55 7.62 24.04
C ALA A 397 4.90 8.93 23.28
N ILE A 398 4.04 9.93 23.40
CA ILE A 398 4.26 11.22 22.72
C ILE A 398 5.58 11.90 23.22
N LYS A 399 5.85 11.86 24.53
CA LYS A 399 7.11 12.41 25.07
C LYS A 399 8.32 11.71 24.46
N GLN A 400 8.28 10.37 24.39
CA GLN A 400 9.32 9.57 23.74
C GLN A 400 9.48 9.92 22.25
N TYR A 401 8.36 10.06 21.53
CA TYR A 401 8.46 10.50 20.14
C TYR A 401 9.02 11.95 20.03
N ASP A 402 8.69 12.82 20.97
CA ASP A 402 9.27 14.20 20.98
C ASP A 402 10.77 14.16 21.13
N ILE A 403 11.26 13.31 22.04
CA ILE A 403 12.69 13.16 22.26
C ILE A 403 13.31 12.58 20.99
N ALA A 404 12.66 11.56 20.40
CA ALA A 404 13.23 10.88 19.24
C ALA A 404 13.40 11.88 18.09
N LYS A 405 12.39 12.72 17.87
CA LYS A 405 12.41 13.74 16.80
C LYS A 405 13.61 14.72 16.96
N ARG A 406 13.79 15.23 18.18
CA ARG A 406 14.97 16.04 18.46
C ARG A 406 16.30 15.30 18.27
N LEU A 407 16.43 14.05 18.75
CA LEU A 407 17.66 13.27 18.50
C LEU A 407 17.93 13.09 17.02
N GLU A 408 16.87 12.83 16.25
CA GLU A 408 16.97 12.64 14.81
C GLU A 408 17.47 13.92 14.08
N GLU A 409 16.93 15.07 14.44
CA GLU A 409 17.30 16.37 13.88
C GLU A 409 18.78 16.70 14.03
N VAL A 410 19.41 16.19 15.09
CA VAL A 410 20.81 16.51 15.41
C VAL A 410 21.80 15.63 14.64
N GLN A 411 21.38 14.43 14.24
CA GLN A 411 22.24 13.52 13.46
C GLN A 411 22.44 13.90 11.98
N GLU A 412 23.62 13.62 11.43
CA GLU A 412 23.88 13.87 9.98
C GLU A 412 23.10 12.89 9.11
N LYS A 413 23.01 11.65 9.54
N LYS A 413 23.02 11.66 9.58
CA LYS A 413 22.42 10.64 8.70
CA LYS A 413 22.46 10.55 8.83
C LYS A 413 21.08 10.24 9.27
C LYS A 413 20.99 10.43 9.20
N ILE A 414 20.25 9.66 8.41
CA ILE A 414 18.93 9.24 8.75
C ILE A 414 19.08 8.03 9.72
N HIS A 415 18.37 8.09 10.86
CA HIS A 415 18.24 6.95 11.76
C HIS A 415 16.78 6.46 11.74
N VAL A 416 15.86 7.25 12.26
CA VAL A 416 14.43 6.84 12.30
C VAL A 416 13.60 7.65 11.31
N GLY A 417 14.24 8.62 10.64
CA GLY A 417 13.54 9.46 9.64
C GLY A 417 12.26 10.11 10.13
N ILE A 418 11.15 9.93 9.39
CA ILE A 418 9.85 10.51 9.83
C ILE A 418 9.01 9.65 10.82
N GLY A 419 9.55 8.53 11.24
CA GLY A 419 8.87 7.66 12.21
C GLY A 419 8.22 8.38 13.38
N PRO A 420 8.99 9.20 14.14
CA PRO A 420 8.36 9.99 15.20
C PRO A 420 7.23 10.93 14.82
N LEU A 421 7.26 11.51 13.62
N LEU A 421 7.27 11.54 13.62
CA LEU A 421 6.20 12.41 13.19
CA LEU A 421 6.18 12.43 13.20
C LEU A 421 4.93 11.62 12.99
C LEU A 421 4.90 11.66 12.91
N ILE A 422 5.04 10.50 12.28
CA ILE A 422 3.91 9.58 12.01
C ILE A 422 3.39 9.02 13.33
N GLY A 423 4.31 8.58 14.19
CA GLY A 423 3.95 8.06 15.50
C GLY A 423 3.10 9.04 16.27
N LYS A 424 3.63 10.26 16.44
CA LYS A 424 2.91 11.24 17.21
C LYS A 424 1.60 11.69 16.53
N ALA A 425 1.64 11.92 15.21
CA ALA A 425 0.44 12.33 14.51
C ALA A 425 -0.68 11.31 14.59
N THR A 426 -0.36 10.01 14.52
CA THR A 426 -1.39 8.96 14.62
C THR A 426 -2.10 9.01 15.99
N ILE A 427 -1.32 9.14 17.05
CA ILE A 427 -1.86 9.29 18.41
C ILE A 427 -2.76 10.52 18.51
N LEU A 428 -2.26 11.66 18.07
CA LEU A 428 -3.00 12.92 18.16
C LEU A 428 -4.30 12.92 17.33
N ALA A 429 -4.26 12.31 16.14
CA ALA A 429 -5.48 12.16 15.32
C ALA A 429 -6.54 11.28 16.00
N ARG A 430 -6.13 10.11 16.50
CA ARG A 430 -7.03 9.26 17.26
C ARG A 430 -7.53 9.93 18.56
N GLN A 431 -6.68 10.69 19.24
CA GLN A 431 -7.15 11.37 20.45
C GLN A 431 -8.11 12.53 20.14
N SER A 432 -7.92 13.18 18.99
CA SER A 432 -8.71 14.36 18.64
C SER A 432 -10.21 14.06 18.49
N SER A 433 -10.51 12.91 17.88
CA SER A 433 -11.89 12.56 17.56
C SER A 433 -12.36 11.35 18.36
N GLN A 434 -11.95 11.29 19.63
CA GLN A 434 -12.24 10.16 20.51
C GLN A 434 -12.01 10.54 21.97
N LEU A 439 -14.95 17.07 18.82
CA LEU A 439 -13.62 17.10 18.18
C LEU A 439 -12.69 18.08 18.88
N ASP A 440 -11.53 17.57 19.31
CA ASP A 440 -10.44 18.39 19.83
C ASP A 440 -9.73 18.96 18.61
N GLU A 441 -10.03 20.20 18.27
CA GLU A 441 -9.55 20.81 17.04
C GLU A 441 -8.06 21.13 17.11
N GLU A 442 -7.55 21.33 18.32
CA GLU A 442 -6.11 21.57 18.51
C GLU A 442 -5.25 20.33 18.23
N LYS A 443 -5.63 19.15 18.74
CA LYS A 443 -4.95 17.89 18.41
C LYS A 443 -5.09 17.55 16.93
N PHE A 444 -6.28 17.78 16.37
CA PHE A 444 -6.50 17.47 14.96
C PHE A 444 -5.64 18.34 14.04
N ASN A 445 -5.59 19.65 14.30
CA ASN A 445 -4.64 20.53 13.59
C ASN A 445 -3.20 20.16 13.80
N ALA A 446 -2.83 19.80 15.03
CA ALA A 446 -1.46 19.35 15.26
C ALA A 446 -1.09 18.12 14.42
N ALA A 447 -2.00 17.16 14.31
CA ALA A 447 -1.82 15.94 13.52
C ALA A 447 -1.62 16.28 12.04
N ILE A 448 -2.47 17.16 11.51
CA ILE A 448 -2.34 17.62 10.14
C ILE A 448 -0.95 18.22 9.91
N LYS A 449 -0.52 19.08 10.84
CA LYS A 449 0.74 19.74 10.68
C LYS A 449 1.89 18.74 10.66
N LEU A 450 1.85 17.77 11.57
CA LEU A 450 2.86 16.72 11.66
C LEU A 450 2.94 15.87 10.39
N LEU A 451 1.79 15.39 9.91
CA LEU A 451 1.74 14.57 8.67
C LEU A 451 2.09 15.37 7.40
N THR A 452 1.71 16.66 7.35
CA THR A 452 2.17 17.53 6.25
C THR A 452 3.70 17.65 6.21
N LYS A 453 4.32 17.93 7.37
CA LYS A 453 5.77 17.96 7.47
C LYS A 453 6.35 16.60 7.09
N ALA A 454 5.79 15.52 7.61
CA ALA A 454 6.27 14.15 7.29
C ALA A 454 6.28 13.91 5.76
N CYS A 455 5.18 14.28 5.10
CA CYS A 455 5.06 14.19 3.63
C CYS A 455 6.12 14.98 2.90
N GLU A 456 6.47 16.17 3.40
CA GLU A 456 7.51 17.01 2.77
C GLU A 456 8.91 16.45 3.00
N LEU A 457 9.21 15.95 4.20
CA LEU A 457 10.52 15.40 4.49
C LEU A 457 10.78 14.07 3.84
N ASP A 458 9.75 13.26 3.63
CA ASP A 458 9.94 11.90 3.05
C ASP A 458 8.82 11.63 2.03
N PRO A 459 8.88 12.33 0.86
CA PRO A 459 7.89 12.28 -0.21
C PRO A 459 7.53 10.87 -0.71
N ARG A 460 8.42 9.89 -0.52
CA ARG A 460 8.11 8.52 -0.99
C ARG A 460 7.46 7.63 0.08
N SER A 461 7.08 8.23 1.20
CA SER A 461 6.38 7.50 2.22
C SER A 461 4.88 7.44 1.90
N GLU A 462 4.40 6.24 1.58
CA GLU A 462 2.96 6.01 1.41
C GLU A 462 2.22 6.10 2.73
N GLN A 463 2.87 5.71 3.82
CA GLN A 463 2.33 5.77 5.17
C GLN A 463 1.94 7.24 5.48
N ALA A 464 2.86 8.17 5.22
CA ALA A 464 2.61 9.60 5.46
C ALA A 464 1.45 10.16 4.60
N LYS A 465 1.44 9.78 3.32
N LYS A 465 1.40 9.80 3.32
CA LYS A 465 0.44 10.24 2.35
CA LYS A 465 0.37 10.36 2.43
C LYS A 465 -0.97 9.80 2.73
C LYS A 465 -1.02 9.80 2.70
N ILE A 466 -1.11 8.51 3.03
CA ILE A 466 -2.42 7.91 3.35
C ILE A 466 -2.95 8.49 4.66
N GLY A 467 -2.05 8.57 5.66
CA GLY A 467 -2.33 9.22 6.94
C GLY A 467 -2.89 10.61 6.76
N LEU A 468 -2.17 11.43 5.98
CA LEU A 468 -2.62 12.78 5.70
C LEU A 468 -3.98 12.77 4.93
N ALA A 469 -4.10 11.86 3.94
CA ALA A 469 -5.32 11.76 3.11
C ALA A 469 -6.56 11.51 3.95
N GLN A 470 -6.47 10.65 4.97
CA GLN A 470 -7.63 10.34 5.81
C GLN A 470 -8.11 11.57 6.62
N LEU A 471 -7.16 12.44 7.02
CA LEU A 471 -7.48 13.65 7.77
C LEU A 471 -8.07 14.71 6.87
N LYS A 472 -7.52 14.84 5.67
CA LYS A 472 -8.05 15.74 4.66
C LYS A 472 -9.51 15.37 4.32
N LEU A 473 -9.77 14.08 4.24
CA LEU A 473 -11.13 13.56 3.97
C LEU A 473 -12.12 13.85 5.12
N GLN A 474 -11.64 13.76 6.36
CA GLN A 474 -12.41 14.15 7.55
C GLN A 474 -12.77 15.64 7.54
N MET A 475 -11.84 16.48 7.11
CA MET A 475 -12.07 17.93 6.96
C MET A 475 -12.87 18.26 5.70
N GLU A 476 -13.36 17.24 5.00
CA GLU A 476 -13.95 17.40 3.65
C GLU A 476 -13.05 18.14 2.64
N LYS A 477 -11.74 17.95 2.75
CA LYS A 477 -10.80 18.40 1.71
C LYS A 477 -10.67 17.24 0.71
N ILE A 478 -11.75 17.00 -0.06
CA ILE A 478 -11.86 15.85 -0.96
C ILE A 478 -10.82 15.85 -2.07
N ASP A 479 -10.64 16.97 -2.76
CA ASP A 479 -9.68 17.07 -3.86
C ASP A 479 -8.24 16.77 -3.38
N GLU A 480 -7.85 17.41 -2.27
CA GLU A 480 -6.58 17.16 -1.61
C GLU A 480 -6.45 15.66 -1.23
N ALA A 481 -7.49 15.10 -0.59
CA ALA A 481 -7.50 13.69 -0.21
C ALA A 481 -7.28 12.75 -1.40
N ILE A 482 -8.05 13.00 -2.48
CA ILE A 482 -7.94 12.22 -3.69
C ILE A 482 -6.51 12.22 -4.21
N GLU A 483 -5.90 13.40 -4.31
CA GLU A 483 -4.56 13.48 -4.85
C GLU A 483 -3.59 12.64 -3.99
N LEU A 484 -3.73 12.74 -2.66
CA LEU A 484 -2.88 11.99 -1.72
C LEU A 484 -3.11 10.49 -1.82
N PHE A 485 -4.37 10.08 -1.93
CA PHE A 485 -4.73 8.66 -2.10
C PHE A 485 -4.15 8.12 -3.40
N GLU A 486 -4.26 8.90 -4.48
CA GLU A 486 -3.71 8.48 -5.77
C GLU A 486 -2.18 8.41 -5.78
N ASP A 487 -1.52 9.40 -5.19
CA ASP A 487 -0.06 9.35 -5.03
C ASP A 487 0.37 8.14 -4.22
N SER A 488 -0.37 7.85 -3.17
N SER A 488 -0.39 7.83 -3.17
CA SER A 488 -0.03 6.72 -2.32
CA SER A 488 -0.10 6.69 -2.27
C SER A 488 -0.12 5.40 -3.09
C SER A 488 -0.29 5.34 -2.94
N ALA A 489 -1.10 5.32 -4.00
CA ALA A 489 -1.28 4.11 -4.80
C ALA A 489 -0.09 3.94 -5.73
N ILE A 490 0.37 5.05 -6.32
CA ILE A 490 1.61 5.02 -7.11
C ILE A 490 2.77 4.49 -6.26
N LEU A 491 2.79 4.89 -4.98
CA LEU A 491 3.90 4.64 -4.07
C LEU A 491 3.92 3.28 -3.40
N ALA A 492 2.75 2.68 -3.22
CA ALA A 492 2.60 1.44 -2.45
C ALA A 492 3.23 0.22 -3.12
N MET A 495 0.40 -4.82 -4.07
CA MET A 495 -0.68 -5.04 -5.02
C MET A 495 -2.03 -4.81 -4.35
N ASP A 496 -2.27 -5.51 -3.24
CA ASP A 496 -3.39 -5.27 -2.33
C ASP A 496 -3.36 -3.86 -1.71
N GLU A 497 -2.15 -3.37 -1.41
CA GLU A 497 -1.89 -1.98 -1.01
C GLU A 497 -2.25 -0.97 -2.09
N LYS A 498 -1.82 -1.21 -3.34
CA LYS A 498 -2.20 -0.33 -4.48
C LYS A 498 -3.72 -0.26 -4.63
N LEU A 499 -4.38 -1.41 -4.44
CA LEU A 499 -5.82 -1.52 -4.61
C LEU A 499 -6.53 -0.82 -3.44
N GLN A 500 -6.01 -0.96 -2.22
CA GLN A 500 -6.63 -0.30 -1.06
C GLN A 500 -6.61 1.23 -1.23
N ALA A 501 -5.48 1.77 -1.68
CA ALA A 501 -5.32 3.21 -1.89
C ALA A 501 -6.22 3.68 -3.05
N THR A 502 -6.29 2.88 -4.11
CA THR A 502 -7.08 3.16 -5.29
C THR A 502 -8.58 3.20 -4.88
N THR A 503 -8.98 2.27 -4.01
CA THR A 503 -10.33 2.17 -3.48
C THR A 503 -10.70 3.43 -2.70
N PHE A 504 -9.78 3.92 -1.87
CA PHE A 504 -10.05 5.16 -1.13
C PHE A 504 -10.24 6.32 -2.09
N ALA A 505 -9.37 6.40 -3.10
CA ALA A 505 -9.44 7.45 -4.08
C ALA A 505 -10.76 7.38 -4.88
N GLU A 506 -11.17 6.18 -5.29
CA GLU A 506 -12.41 6.04 -6.10
C GLU A 506 -13.67 6.30 -5.31
N ALA A 507 -13.68 5.92 -4.04
CA ALA A 507 -14.82 6.19 -3.16
C ALA A 507 -15.02 7.71 -2.97
N ALA A 508 -13.89 8.39 -2.81
CA ALA A 508 -13.84 9.83 -2.61
C ALA A 508 -14.26 10.55 -3.87
N LYS A 509 -13.94 10.01 -5.04
CA LYS A 509 -14.42 10.62 -6.30
C LYS A 509 -15.94 10.57 -6.47
N ILE A 510 -16.57 9.55 -5.89
CA ILE A 510 -18.02 9.39 -5.95
C ILE A 510 -18.70 10.38 -5.02
N GLN A 511 -18.10 10.58 -3.83
CA GLN A 511 -18.57 11.59 -2.87
C GLN A 511 -18.50 12.98 -3.47
N LYS A 512 -17.38 13.27 -4.11
CA LYS A 512 -17.20 14.49 -4.89
C LYS A 512 -18.31 14.70 -5.96
N ARG A 513 -18.59 13.68 -6.78
CA ARG A 513 -19.64 13.73 -7.79
C ARG A 513 -21.04 13.98 -7.18
N LEU A 514 -21.32 13.33 -6.05
CA LEU A 514 -22.60 13.47 -5.37
C LEU A 514 -22.82 14.88 -4.84
N ARG A 515 -21.76 15.42 -4.24
CA ARG A 515 -21.78 16.75 -3.66
C ARG A 515 -21.81 17.83 -4.75
N ALA A 516 -21.25 17.53 -5.93
CA ALA A 516 -21.34 18.38 -7.12
C ALA A 516 -22.76 18.53 -7.69
N ASP A 517 -23.71 17.70 -7.22
CA ASP A 517 -25.10 17.69 -7.74
C ASP A 517 -26.13 17.67 -6.61
N MET B 8 -38.58 -5.89 -6.64
CA MET B 8 -37.70 -5.00 -7.46
C MET B 8 -37.56 -5.52 -8.90
N GLU B 9 -37.81 -6.83 -9.08
CA GLU B 9 -37.85 -7.49 -10.41
C GLU B 9 -39.30 -7.59 -10.97
N GLU B 10 -40.26 -6.98 -10.29
CA GLU B 10 -41.67 -7.06 -10.69
C GLU B 10 -42.10 -5.77 -11.41
N VAL B 11 -42.90 -5.91 -12.47
CA VAL B 11 -43.55 -4.74 -13.09
C VAL B 11 -44.65 -4.18 -12.18
N ASP B 12 -44.99 -2.90 -12.36
CA ASP B 12 -46.03 -2.22 -11.57
C ASP B 12 -47.26 -1.84 -12.41
CL CL C . 35.62 -16.19 -7.09
MG MG D . 7.68 5.16 5.89
#